data_5I2F
#
_entry.id   5I2F
#
_cell.length_a   77.493
_cell.length_b   46.314
_cell.length_c   64.073
_cell.angle_alpha   90.000
_cell.angle_beta   94.440
_cell.angle_gamma   90.000
#
_symmetry.space_group_name_H-M   'C 1 2 1'
#
loop_
_entity.id
_entity.type
_entity.pdbx_description
1 polymer 'Histidine triad nucleotide-binding protein 1'
2 non-polymer 1,2-ETHANEDIOL
3 non-polymer "5'-deoxy-5'-[({5-[(3aS,4S,6aR)-2-oxohexahydro-1H-thieno[3,4-d]imidazol-4-yl]pentanoyl}sulfamoyl)amino]adenosine"
4 water water
#
_entity_poly.entity_id   1
_entity_poly.type   'polypeptide(L)'
_entity_poly.pdbx_seq_one_letter_code
;SNAMADEIAKAQVARPGGDTIFGKIIRKEIPAKIIFEDDRCLAFHDISPQAPTHFLVIPKKHISQISVAEDDDESLLGHL
MIVGKKCAADLGLNKGYRMVVNEGSDGGQSVYHVHLHVLGGRQMHWPPG
;
_entity_poly.pdbx_strand_id   B,A
#
# COMPACT_ATOMS: atom_id res chain seq x y z
N GLY A 18 8.79 -0.74 21.57
CA GLY A 18 7.89 -0.68 22.69
C GLY A 18 6.44 -0.91 22.33
N ASP A 19 5.63 -1.25 23.33
CA ASP A 19 4.21 -1.53 23.10
C ASP A 19 3.49 -0.30 22.58
N THR A 20 2.40 -0.52 21.85
CA THR A 20 1.56 0.55 21.34
C THR A 20 0.11 0.25 21.61
N ILE A 21 -0.74 1.23 21.32
CA ILE A 21 -2.18 1.04 21.46
C ILE A 21 -2.68 -0.07 20.54
N PHE A 22 -2.04 -0.27 19.39
CA PHE A 22 -2.44 -1.38 18.53
C PHE A 22 -2.10 -2.75 19.15
N GLY A 23 -1.01 -2.82 19.91
CA GLY A 23 -0.76 -4.01 20.70
C GLY A 23 -1.87 -4.28 21.70
N LYS A 24 -2.35 -3.24 22.37
CA LYS A 24 -3.45 -3.41 23.30
C LYS A 24 -4.71 -3.89 22.58
N ILE A 25 -4.94 -3.40 21.37
CA ILE A 25 -6.11 -3.85 20.61
C ILE A 25 -5.98 -5.32 20.24
N ILE A 26 -4.80 -5.75 19.79
CA ILE A 26 -4.56 -7.15 19.45
C ILE A 26 -4.78 -8.03 20.67
N ARG A 27 -4.32 -7.58 21.83
CA ARG A 27 -4.44 -8.37 23.06
C ARG A 27 -5.83 -8.30 23.66
N LYS A 28 -6.75 -7.54 23.05
CA LYS A 28 -8.13 -7.41 23.48
C LYS A 28 -8.25 -6.62 24.78
N GLU A 29 -7.22 -5.84 25.12
CA GLU A 29 -7.22 -5.07 26.36
C GLU A 29 -8.04 -3.80 26.26
N ILE A 30 -8.24 -3.26 25.06
CA ILE A 30 -9.16 -2.13 24.90
C ILE A 30 -10.08 -2.46 23.73
N PRO A 31 -11.27 -1.89 23.68
CA PRO A 31 -12.20 -2.26 22.61
C PRO A 31 -11.83 -1.67 21.27
N ALA A 32 -12.24 -2.38 20.23
CA ALA A 32 -12.18 -1.92 18.86
C ALA A 32 -13.29 -2.63 18.10
N LYS A 33 -13.78 -2.03 17.02
CA LYS A 33 -14.81 -2.66 16.21
C LYS A 33 -14.12 -3.54 15.19
N ILE A 34 -14.01 -4.82 15.51
CA ILE A 34 -13.24 -5.77 14.73
C ILE A 34 -14.07 -6.24 13.54
N ILE A 35 -13.47 -6.18 12.35
CA ILE A 35 -14.10 -6.63 11.11
C ILE A 35 -13.72 -8.06 10.80
N PHE A 36 -12.46 -8.41 11.04
CA PHE A 36 -11.94 -9.72 10.66
C PHE A 36 -10.70 -9.99 11.51
N GLU A 37 -10.50 -11.26 11.84
CA GLU A 37 -9.30 -11.69 12.53
C GLU A 37 -8.89 -13.05 11.99
N ASP A 38 -7.58 -13.30 11.96
CA ASP A 38 -7.08 -14.65 11.77
C ASP A 38 -5.90 -14.85 12.72
N ASP A 39 -5.06 -15.86 12.45
CA ASP A 39 -3.94 -16.15 13.35
C ASP A 39 -2.80 -15.14 13.22
N ARG A 40 -2.82 -14.28 12.19
CA ARG A 40 -1.66 -13.44 11.92
C ARG A 40 -1.98 -11.97 11.65
N CYS A 41 -3.25 -11.58 11.67
CA CYS A 41 -3.59 -10.19 11.44
C CYS A 41 -4.96 -9.89 12.00
N LEU A 42 -5.28 -8.61 12.05
CA LEU A 42 -6.54 -8.12 12.59
C LEU A 42 -6.96 -6.90 11.79
N ALA A 43 -8.24 -6.83 11.44
CA ALA A 43 -8.81 -5.67 10.75
C ALA A 43 -9.89 -5.05 11.63
N PHE A 44 -9.87 -3.73 11.76
CA PHE A 44 -10.80 -3.05 12.66
C PHE A 44 -11.01 -1.63 12.16
N HIS A 45 -12.17 -1.06 12.49
CA HIS A 45 -12.48 0.29 12.05
C HIS A 45 -11.59 1.30 12.76
N ASP A 46 -11.14 2.30 12.01
CA ASP A 46 -10.31 3.37 12.57
CA ASP A 46 -10.31 3.32 12.64
C ASP A 46 -11.14 4.22 13.54
N ILE A 47 -10.54 4.59 14.67
CA ILE A 47 -11.25 5.41 15.65
C ILE A 47 -11.45 6.84 15.18
N SER A 48 -10.68 7.30 14.20
CA SER A 48 -10.77 8.67 13.68
C SER A 48 -10.98 8.59 12.18
N PRO A 49 -12.15 8.14 11.74
CA PRO A 49 -12.32 7.83 10.30
C PRO A 49 -12.27 9.08 9.44
N GLN A 50 -11.65 8.93 8.27
CA GLN A 50 -11.49 10.01 7.30
C GLN A 50 -12.34 9.79 6.06
N ALA A 51 -13.18 8.77 6.05
CA ALA A 51 -14.08 8.46 4.97
C ALA A 51 -15.24 7.67 5.56
N PRO A 52 -16.36 7.52 4.83
CA PRO A 52 -17.49 6.79 5.41
C PRO A 52 -17.12 5.38 5.83
N THR A 53 -16.20 4.74 5.12
CA THR A 53 -15.56 3.50 5.57
C THR A 53 -14.07 3.76 5.69
N HIS A 54 -13.51 3.51 6.85
CA HIS A 54 -12.07 3.69 7.08
C HIS A 54 -11.68 2.65 8.12
N PHE A 55 -10.93 1.64 7.69
CA PHE A 55 -10.48 0.61 8.62
C PHE A 55 -8.99 0.38 8.45
N LEU A 56 -8.43 -0.39 9.38
CA LEU A 56 -7.02 -0.72 9.41
C LEU A 56 -6.87 -2.24 9.35
N VAL A 57 -5.81 -2.70 8.70
CA VAL A 57 -5.39 -4.10 8.77
C VAL A 57 -3.97 -4.11 9.32
N ILE A 58 -3.76 -4.84 10.41
CA ILE A 58 -2.47 -4.83 11.08
C ILE A 58 -1.97 -6.26 11.27
N PRO A 59 -0.68 -6.50 11.21
CA PRO A 59 -0.16 -7.82 11.56
C PRO A 59 -0.15 -7.99 13.07
N LYS A 60 -0.28 -9.24 13.50
CA LYS A 60 -0.10 -9.52 14.92
C LYS A 60 1.37 -9.43 15.32
N LYS A 61 2.29 -9.76 14.42
CA LYS A 61 3.71 -9.56 14.66
C LYS A 61 4.01 -8.07 14.78
N HIS A 62 4.77 -7.68 15.81
CA HIS A 62 5.06 -6.26 15.98
C HIS A 62 6.22 -5.87 15.09
N ILE A 63 5.89 -5.45 13.86
CA ILE A 63 6.80 -4.72 12.99
C ILE A 63 6.50 -3.25 13.23
N SER A 64 7.51 -2.47 13.64
CA SER A 64 7.23 -1.11 14.07
C SER A 64 6.88 -0.19 12.91
N GLN A 65 7.46 -0.42 11.73
CA GLN A 65 7.27 0.45 10.59
C GLN A 65 7.74 -0.30 9.36
N ILE A 66 7.19 0.08 8.20
CA ILE A 66 7.46 -0.67 6.99
C ILE A 66 8.95 -0.61 6.64
N SER A 67 9.64 0.46 7.03
CA SER A 67 11.05 0.59 6.68
C SER A 67 11.92 -0.50 7.32
N VAL A 68 11.44 -1.15 8.38
CA VAL A 68 12.22 -2.18 9.05
C VAL A 68 11.69 -3.58 8.75
N ALA A 69 10.70 -3.71 7.88
CA ALA A 69 10.21 -5.03 7.52
C ALA A 69 11.30 -5.84 6.85
N GLU A 70 11.34 -7.13 7.16
CA GLU A 70 12.32 -8.07 6.63
C GLU A 70 11.81 -8.72 5.35
N ASP A 71 12.75 -9.30 4.59
CA ASP A 71 12.36 -10.00 3.37
C ASP A 71 11.39 -11.14 3.66
N ASP A 72 11.58 -11.83 4.79
CA ASP A 72 10.69 -12.91 5.19
C ASP A 72 9.28 -12.44 5.51
N ASP A 73 9.07 -11.13 5.65
CA ASP A 73 7.75 -10.57 5.92
C ASP A 73 6.90 -10.38 4.66
N GLU A 74 7.43 -10.71 3.48
CA GLU A 74 6.73 -10.33 2.26
C GLU A 74 5.33 -10.93 2.17
N SER A 75 5.19 -12.23 2.46
CA SER A 75 3.87 -12.83 2.34
CA SER A 75 3.88 -12.85 2.35
C SER A 75 2.91 -12.28 3.39
N LEU A 76 3.42 -11.98 4.59
CA LEU A 76 2.58 -11.38 5.63
C LEU A 76 2.07 -10.01 5.20
N LEU A 77 2.95 -9.18 4.62
CA LEU A 77 2.52 -7.87 4.14
C LEU A 77 1.50 -8.00 3.02
N GLY A 78 1.73 -8.92 2.09
CA GLY A 78 0.75 -9.17 1.06
C GLY A 78 -0.57 -9.67 1.63
N HIS A 79 -0.49 -10.50 2.68
CA HIS A 79 -1.71 -10.96 3.36
C HIS A 79 -2.52 -9.79 3.90
N LEU A 80 -1.87 -8.76 4.44
CA LEU A 80 -2.62 -7.59 4.89
C LEU A 80 -3.41 -6.97 3.76
N MET A 81 -2.81 -6.90 2.56
CA MET A 81 -3.48 -6.29 1.42
CA MET A 81 -3.49 -6.29 1.42
C MET A 81 -4.63 -7.17 0.91
N ILE A 82 -4.42 -8.49 0.89
CA ILE A 82 -5.50 -9.39 0.46
C ILE A 82 -6.66 -9.36 1.45
N VAL A 83 -6.35 -9.41 2.75
CA VAL A 83 -7.39 -9.25 3.77
C VAL A 83 -8.09 -7.91 3.61
N GLY A 84 -7.31 -6.86 3.36
CA GLY A 84 -7.90 -5.54 3.17
C GLY A 84 -8.87 -5.50 2.00
N LYS A 85 -8.49 -6.09 0.86
CA LYS A 85 -9.38 -6.03 -0.29
C LYS A 85 -10.62 -6.90 -0.07
N LYS A 86 -10.48 -8.02 0.63
CA LYS A 86 -11.65 -8.85 0.92
C LYS A 86 -12.59 -8.15 1.89
N CYS A 87 -12.05 -7.51 2.94
CA CYS A 87 -12.89 -6.75 3.86
C CYS A 87 -13.59 -5.61 3.14
N ALA A 88 -12.87 -4.93 2.24
CA ALA A 88 -13.48 -3.82 1.50
C ALA A 88 -14.68 -4.31 0.69
N ALA A 89 -14.55 -5.45 0.04
CA ALA A 89 -15.67 -6.02 -0.70
C ALA A 89 -16.82 -6.36 0.24
N ASP A 90 -16.50 -7.00 1.37
CA ASP A 90 -17.54 -7.37 2.32
C ASP A 90 -18.25 -6.16 2.91
N LEU A 91 -17.55 -5.04 3.03
CA LEU A 91 -18.13 -3.79 3.53
C LEU A 91 -18.82 -2.99 2.44
N GLY A 92 -18.92 -3.52 1.22
CA GLY A 92 -19.70 -2.90 0.18
C GLY A 92 -19.02 -1.80 -0.60
N LEU A 93 -17.68 -1.78 -0.64
CA LEU A 93 -16.95 -0.72 -1.34
C LEU A 93 -16.79 -1.05 -2.82
N ASN A 94 -17.93 -1.21 -3.49
CA ASN A 94 -17.93 -1.65 -4.88
C ASN A 94 -17.53 -0.56 -5.87
N LYS A 95 -17.43 0.70 -5.44
CA LYS A 95 -16.95 1.77 -6.30
C LYS A 95 -15.46 2.04 -6.15
N GLY A 96 -14.79 1.34 -5.24
CA GLY A 96 -13.35 1.47 -5.08
C GLY A 96 -12.98 1.99 -3.70
N TYR A 97 -11.67 2.18 -3.52
CA TYR A 97 -11.11 2.53 -2.22
C TYR A 97 -9.62 2.84 -2.42
N ARG A 98 -9.00 3.31 -1.35
CA ARG A 98 -7.58 3.65 -1.34
C ARG A 98 -6.93 2.95 -0.16
N MET A 99 -5.78 2.31 -0.40
CA MET A 99 -4.97 1.70 0.64
C MET A 99 -3.75 2.55 0.90
N VAL A 100 -3.38 2.72 2.16
CA VAL A 100 -2.29 3.63 2.52
C VAL A 100 -1.43 3.00 3.61
N VAL A 101 -0.12 3.07 3.44
CA VAL A 101 0.82 2.79 4.53
C VAL A 101 1.67 4.04 4.74
N ASN A 102 1.69 4.54 5.97
CA ASN A 102 2.49 5.71 6.33
C ASN A 102 3.79 5.27 7.00
N GLU A 103 4.90 5.91 6.63
CA GLU A 103 6.20 5.64 7.23
C GLU A 103 6.80 6.94 7.78
N GLY A 104 7.10 6.94 9.07
CA GLY A 104 7.89 8.02 9.62
C GLY A 104 7.15 9.35 9.72
N SER A 105 7.94 10.38 10.00
CA SER A 105 7.36 11.70 10.27
CA SER A 105 7.38 11.71 10.25
C SER A 105 6.77 12.31 8.99
N ASP A 106 7.52 12.29 7.89
CA ASP A 106 6.97 12.83 6.64
C ASP A 106 5.78 12.03 6.16
N GLY A 107 5.76 10.72 6.42
CA GLY A 107 4.61 9.92 6.04
C GLY A 107 3.40 10.10 6.91
N GLY A 108 3.57 10.77 8.05
CA GLY A 108 2.46 10.97 8.95
C GLY A 108 2.10 9.74 9.75
N GLN A 109 3.05 8.83 9.97
CA GLN A 109 2.76 7.60 10.68
C GLN A 109 2.41 7.91 12.13
N SER A 110 1.22 7.49 12.56
CA SER A 110 0.72 7.90 13.87
C SER A 110 0.98 6.89 14.98
N VAL A 111 1.17 5.62 14.65
CA VAL A 111 1.43 4.54 15.60
C VAL A 111 2.56 3.70 15.03
N TYR A 112 3.56 3.40 15.85
CA TYR A 112 4.70 2.60 15.40
C TYR A 112 4.44 1.09 15.56
N HIS A 113 3.39 0.69 14.86
CA HIS A 113 3.06 -0.71 14.58
C HIS A 113 2.50 -0.66 13.17
N VAL A 114 3.10 -1.41 12.24
CA VAL A 114 2.73 -1.33 10.82
CA VAL A 114 2.72 -1.22 10.85
C VAL A 114 1.23 -1.48 10.67
N HIS A 115 0.60 -0.64 9.85
CA HIS A 115 -0.83 -0.70 9.64
C HIS A 115 -1.17 -0.24 8.23
N LEU A 116 -2.09 -0.96 7.61
CA LEU A 116 -2.62 -0.63 6.30
C LEU A 116 -3.98 0.04 6.47
N HIS A 117 -4.09 1.31 6.07
CA HIS A 117 -5.38 1.98 6.03
C HIS A 117 -6.12 1.57 4.77
N VAL A 118 -7.44 1.41 4.90
CA VAL A 118 -8.32 1.24 3.75
C VAL A 118 -9.47 2.22 3.89
N LEU A 119 -9.64 3.09 2.89
CA LEU A 119 -10.61 4.17 2.95
C LEU A 119 -11.50 4.13 1.71
N GLY A 120 -12.80 4.27 1.92
CA GLY A 120 -13.70 4.34 0.79
C GLY A 120 -15.06 4.87 1.20
N GLY A 121 -16.01 4.76 0.28
CA GLY A 121 -17.33 5.31 0.51
C GLY A 121 -17.46 6.77 0.13
N ARG A 122 -16.40 7.37 -0.40
CA ARG A 122 -16.42 8.70 -0.97
C ARG A 122 -15.35 8.75 -2.03
N GLN A 123 -15.41 9.77 -2.88
CA GLN A 123 -14.31 9.99 -3.82
C GLN A 123 -13.06 10.35 -3.05
N MET A 124 -11.98 9.62 -3.30
CA MET A 124 -10.67 9.97 -2.79
C MET A 124 -9.97 10.87 -3.80
N HIS A 125 -9.24 11.86 -3.31
CA HIS A 125 -8.73 12.93 -4.14
C HIS A 125 -7.23 12.83 -4.33
N TRP A 126 -6.70 13.66 -5.21
CA TRP A 126 -5.29 13.62 -5.57
C TRP A 126 -4.77 15.05 -5.49
N PRO A 127 -3.62 15.26 -4.84
CA PRO A 127 -2.68 14.28 -4.26
C PRO A 127 -3.22 13.59 -3.01
N PRO A 128 -2.65 12.43 -2.66
CA PRO A 128 -3.11 11.69 -1.49
C PRO A 128 -2.51 12.24 -0.19
N GLY A 129 -2.83 13.50 0.10
CA GLY A 129 -2.17 14.21 1.18
C GLY A 129 -0.90 14.86 0.68
N ALA B 14 -0.96 -11.92 -26.71
CA ALA B 14 -0.95 -11.41 -25.35
C ALA B 14 0.49 -11.28 -24.82
N ARG B 15 1.07 -10.10 -25.02
CA ARG B 15 2.43 -9.86 -24.57
C ARG B 15 2.50 -9.84 -23.04
N PRO B 16 3.60 -10.33 -22.46
CA PRO B 16 3.70 -10.38 -21.00
C PRO B 16 3.68 -9.00 -20.39
N GLY B 17 2.77 -8.79 -19.43
CA GLY B 17 2.55 -7.51 -18.81
C GLY B 17 1.35 -6.77 -19.34
N GLY B 18 0.84 -7.14 -20.51
CA GLY B 18 -0.31 -6.47 -21.10
C GLY B 18 0.07 -5.19 -21.82
N ASP B 19 -0.95 -4.46 -22.27
CA ASP B 19 -0.75 -3.30 -23.13
C ASP B 19 -1.16 -1.98 -22.49
N THR B 20 -1.44 -1.95 -21.19
CA THR B 20 -1.47 -0.65 -20.53
C THR B 20 -0.10 -0.02 -20.65
N ILE B 21 -0.04 1.27 -20.36
CA ILE B 21 1.26 1.95 -20.41
CA ILE B 21 1.24 1.99 -20.36
C ILE B 21 2.27 1.27 -19.49
N PHE B 22 1.81 0.67 -18.38
CA PHE B 22 2.74 0.00 -17.48
C PHE B 22 3.25 -1.30 -18.09
N GLY B 23 2.40 -2.03 -18.81
CA GLY B 23 2.90 -3.19 -19.55
C GLY B 23 3.92 -2.80 -20.60
N LYS B 24 3.67 -1.70 -21.31
CA LYS B 24 4.62 -1.20 -22.30
C LYS B 24 5.95 -0.81 -21.66
N ILE B 25 5.90 -0.19 -20.48
CA ILE B 25 7.11 0.16 -19.76
C ILE B 25 7.90 -1.08 -19.37
N ILE B 26 7.20 -2.10 -18.88
CA ILE B 26 7.85 -3.37 -18.50
C ILE B 26 8.69 -3.91 -19.65
N ARG B 27 8.14 -3.87 -20.87
CA ARG B 27 8.80 -4.44 -22.03
C ARG B 27 9.72 -3.44 -22.73
N LYS B 28 9.98 -2.29 -22.12
CA LYS B 28 10.88 -1.28 -22.67
C LYS B 28 10.39 -0.72 -24.00
N GLU B 29 9.08 -0.72 -24.22
CA GLU B 29 8.50 -0.20 -25.45
C GLU B 29 8.17 1.28 -25.37
N ILE B 30 8.00 1.82 -24.16
CA ILE B 30 7.96 3.27 -23.98
C ILE B 30 8.92 3.60 -22.84
N PRO B 31 9.55 4.77 -22.86
CA PRO B 31 10.64 5.03 -21.91
C PRO B 31 10.10 5.31 -20.51
N ALA B 32 10.96 5.02 -19.53
CA ALA B 32 10.67 5.31 -18.14
C ALA B 32 12.00 5.52 -17.44
N LYS B 33 11.95 6.22 -16.32
CA LYS B 33 13.12 6.44 -15.48
C LYS B 33 13.11 5.37 -14.41
N ILE B 34 13.83 4.29 -14.65
CA ILE B 34 13.74 3.09 -13.83
C ILE B 34 14.71 3.18 -12.67
N ILE B 35 14.21 2.84 -11.48
CA ILE B 35 14.99 2.85 -10.25
C ILE B 35 15.53 1.47 -9.94
N PHE B 36 14.71 0.44 -10.13
CA PHE B 36 15.03 -0.92 -9.72
C PHE B 36 14.21 -1.86 -10.59
N GLU B 37 14.81 -3.01 -10.92
CA GLU B 37 14.10 -4.03 -11.67
C GLU B 37 14.54 -5.40 -11.19
N ASP B 38 13.59 -6.29 -10.98
CA ASP B 38 13.90 -7.70 -10.78
C ASP B 38 12.93 -8.54 -11.59
N ASP B 39 12.95 -9.84 -11.35
CA ASP B 39 12.11 -10.76 -12.14
C ASP B 39 10.63 -10.60 -11.83
N ARG B 40 10.27 -9.99 -10.70
N ARG B 40 10.27 -9.99 -10.70
CA ARG B 40 8.88 -9.88 -10.30
CA ARG B 40 8.88 -9.88 -10.30
C ARG B 40 8.30 -8.48 -10.48
C ARG B 40 8.30 -8.48 -10.41
N CYS B 41 9.12 -7.44 -10.52
CA CYS B 41 8.59 -6.09 -10.45
C CYS B 41 9.57 -5.08 -11.01
N LEU B 42 9.08 -3.85 -11.10
CA LEU B 42 9.81 -2.73 -11.64
C LEU B 42 9.40 -1.49 -10.86
N ALA B 43 10.38 -0.65 -10.50
CA ALA B 43 10.12 0.62 -9.85
C ALA B 43 10.62 1.74 -10.76
N PHE B 44 9.79 2.77 -10.96
CA PHE B 44 10.15 3.85 -11.87
C PHE B 44 9.44 5.12 -11.42
N HIS B 45 9.97 6.26 -11.83
CA HIS B 45 9.47 7.55 -11.37
C HIS B 45 8.16 7.91 -12.05
N ASP B 46 7.24 8.50 -11.29
CA ASP B 46 5.96 8.95 -11.83
C ASP B 46 6.15 10.19 -12.71
N ILE B 47 5.46 10.22 -13.85
CA ILE B 47 5.58 11.34 -14.78
C ILE B 47 4.86 12.59 -14.29
N SER B 48 3.93 12.44 -13.35
CA SER B 48 3.17 13.54 -12.78
CA SER B 48 3.17 13.54 -12.77
C SER B 48 3.37 13.52 -11.26
N PRO B 49 4.58 13.80 -10.79
CA PRO B 49 4.87 13.63 -9.35
C PRO B 49 4.08 14.57 -8.48
N GLN B 50 3.60 14.03 -7.35
CA GLN B 50 2.83 14.77 -6.36
C GLN B 50 3.65 15.08 -5.13
N ALA B 51 4.92 14.75 -5.13
CA ALA B 51 5.84 15.05 -4.03
C ALA B 51 7.22 15.12 -4.63
N PRO B 52 8.18 15.69 -3.91
CA PRO B 52 9.53 15.82 -4.47
C PRO B 52 10.10 14.50 -4.99
N THR B 53 9.81 13.38 -4.32
CA THR B 53 10.04 12.05 -4.85
C THR B 53 8.70 11.34 -4.94
N HIS B 54 8.41 10.78 -6.11
CA HIS B 54 7.16 10.06 -6.31
C HIS B 54 7.44 9.00 -7.35
N PHE B 55 7.46 7.74 -6.92
CA PHE B 55 7.69 6.65 -7.84
C PHE B 55 6.61 5.59 -7.68
N LEU B 56 6.62 4.64 -8.61
CA LEU B 56 5.66 3.56 -8.68
C LEU B 56 6.40 2.24 -8.66
N VAL B 57 5.83 1.24 -7.98
CA VAL B 57 6.32 -0.13 -8.04
C VAL B 57 5.22 -0.98 -8.63
N ILE B 58 5.53 -1.68 -9.72
CA ILE B 58 4.52 -2.46 -10.43
C ILE B 58 4.97 -3.91 -10.56
N PRO B 59 4.05 -4.87 -10.51
CA PRO B 59 4.44 -6.25 -10.83
C PRO B 59 4.64 -6.39 -12.32
N LYS B 60 5.51 -7.36 -12.69
CA LYS B 60 5.61 -7.72 -14.10
C LYS B 60 4.43 -8.58 -14.54
N LYS B 61 3.91 -9.40 -13.65
CA LYS B 61 2.64 -10.09 -13.90
C LYS B 61 1.51 -9.08 -13.99
N HIS B 62 0.69 -9.17 -15.03
CA HIS B 62 -0.44 -8.25 -15.16
C HIS B 62 -1.56 -8.68 -14.22
N ILE B 63 -1.88 -7.80 -13.27
CA ILE B 63 -3.08 -7.86 -12.44
C ILE B 63 -3.73 -6.50 -12.61
N SER B 64 -5.02 -6.48 -12.97
CA SER B 64 -5.62 -5.21 -13.35
C SER B 64 -5.83 -4.26 -12.17
N GLN B 65 -6.13 -4.80 -10.99
CA GLN B 65 -6.48 -3.98 -9.85
C GLN B 65 -6.46 -4.88 -8.62
N ILE B 66 -6.27 -4.26 -7.46
CA ILE B 66 -6.09 -5.04 -6.24
C ILE B 66 -7.33 -5.86 -5.93
N SER B 67 -8.51 -5.38 -6.33
CA SER B 67 -9.74 -6.09 -5.98
C SER B 67 -9.84 -7.46 -6.66
N VAL B 68 -9.07 -7.72 -7.71
CA VAL B 68 -9.09 -9.02 -8.38
C VAL B 68 -7.82 -9.82 -8.13
N ALA B 69 -6.93 -9.36 -7.25
CA ALA B 69 -5.76 -10.16 -6.93
C ALA B 69 -6.17 -11.48 -6.29
N GLU B 70 -5.43 -12.54 -6.63
CA GLU B 70 -5.72 -13.86 -6.09
C GLU B 70 -4.97 -14.09 -4.80
N ASP B 71 -5.44 -15.07 -4.02
CA ASP B 71 -4.77 -15.41 -2.76
C ASP B 71 -3.30 -15.70 -2.98
N ASP B 72 -2.96 -16.37 -4.10
CA ASP B 72 -1.56 -16.72 -4.34
CA ASP B 72 -1.58 -16.73 -4.40
C ASP B 72 -0.73 -15.54 -4.80
N ASP B 73 -1.31 -14.35 -4.94
CA ASP B 73 -0.57 -13.13 -5.22
C ASP B 73 -0.01 -12.47 -3.97
N GLU B 74 -0.22 -13.05 -2.79
CA GLU B 74 0.20 -12.40 -1.55
C GLU B 74 1.70 -12.08 -1.55
N SER B 75 2.53 -13.06 -1.90
CA SER B 75 3.97 -12.82 -1.83
CA SER B 75 3.97 -12.83 -1.84
C SER B 75 4.39 -11.71 -2.81
N LEU B 76 3.78 -11.69 -3.99
CA LEU B 76 4.09 -10.66 -4.97
C LEU B 76 3.70 -9.28 -4.46
N LEU B 77 2.50 -9.16 -3.91
CA LEU B 77 2.05 -7.87 -3.39
C LEU B 77 2.95 -7.41 -2.26
N GLY B 78 3.30 -8.31 -1.35
CA GLY B 78 4.25 -7.95 -0.30
C GLY B 78 5.60 -7.55 -0.86
N HIS B 79 6.02 -8.21 -1.94
CA HIS B 79 7.30 -7.87 -2.56
C HIS B 79 7.30 -6.44 -3.10
N LEU B 80 6.14 -5.99 -3.62
CA LEU B 80 6.07 -4.61 -4.07
C LEU B 80 6.35 -3.65 -2.93
N MET B 81 5.84 -3.96 -1.74
CA MET B 81 6.05 -3.10 -0.59
C MET B 81 7.50 -3.14 -0.11
N ILE B 82 8.10 -4.33 -0.10
CA ILE B 82 9.50 -4.46 0.30
C ILE B 82 10.39 -3.71 -0.68
N VAL B 83 10.16 -3.88 -1.98
CA VAL B 83 10.90 -3.13 -2.98
C VAL B 83 10.67 -1.63 -2.82
N GLY B 84 9.42 -1.23 -2.56
CA GLY B 84 9.14 0.17 -2.34
C GLY B 84 9.93 0.76 -1.18
N LYS B 85 9.98 0.05 -0.06
CA LYS B 85 10.71 0.60 1.09
C LYS B 85 12.22 0.59 0.84
N LYS B 86 12.72 -0.43 0.14
CA LYS B 86 14.15 -0.43 -0.17
C LYS B 86 14.52 0.69 -1.13
N CYS B 87 13.70 0.91 -2.16
CA CYS B 87 13.97 2.02 -3.08
C CYS B 87 13.90 3.36 -2.37
N ALA B 88 12.93 3.51 -1.46
CA ALA B 88 12.81 4.77 -0.73
C ALA B 88 14.08 5.05 0.08
N ALA B 89 14.62 4.01 0.72
CA ALA B 89 15.87 4.18 1.47
C ALA B 89 17.02 4.53 0.52
N ASP B 90 17.10 3.83 -0.62
CA ASP B 90 18.18 4.08 -1.57
C ASP B 90 18.10 5.49 -2.15
N LEU B 91 16.89 6.04 -2.23
CA LEU B 91 16.69 7.41 -2.71
C LEU B 91 16.82 8.46 -1.60
N GLY B 92 17.18 8.05 -0.39
CA GLY B 92 17.43 9.00 0.68
C GLY B 92 16.21 9.56 1.38
N LEU B 93 15.08 8.86 1.36
CA LEU B 93 13.87 9.33 2.03
C LEU B 93 13.90 8.99 3.52
N ASN B 94 14.88 9.58 4.21
CA ASN B 94 15.15 9.24 5.60
CA ASN B 94 15.15 9.22 5.60
C ASN B 94 14.14 9.80 6.58
N LYS B 95 13.32 10.77 6.16
N LYS B 95 13.34 10.79 6.16
CA LYS B 95 12.29 11.32 7.03
CA LYS B 95 12.29 11.36 6.99
C LYS B 95 10.93 10.69 6.79
C LYS B 95 10.98 10.59 6.89
N GLY B 96 10.85 9.69 5.93
CA GLY B 96 9.64 8.92 5.76
C GLY B 96 9.00 9.12 4.41
N TYR B 97 7.83 8.53 4.24
CA TYR B 97 7.17 8.46 2.93
C TYR B 97 5.79 7.85 3.13
N ARG B 98 4.98 7.90 2.08
CA ARG B 98 3.64 7.34 2.09
C ARG B 98 3.52 6.39 0.91
N MET B 99 2.96 5.20 1.15
CA MET B 99 2.67 4.22 0.11
C MET B 99 1.17 4.21 -0.14
N VAL B 100 0.76 4.16 -1.40
CA VAL B 100 -0.65 4.25 -1.76
C VAL B 100 -0.97 3.23 -2.85
N VAL B 101 -2.06 2.48 -2.67
CA VAL B 101 -2.66 1.71 -3.74
C VAL B 101 -4.07 2.23 -3.97
N ASN B 102 -4.37 2.61 -5.21
CA ASN B 102 -5.70 3.09 -5.59
C ASN B 102 -6.49 1.97 -6.27
N GLU B 103 -7.75 1.83 -5.87
CA GLU B 103 -8.64 0.84 -6.47
C GLU B 103 -9.85 1.54 -7.07
N GLY B 104 -10.04 1.35 -8.37
CA GLY B 104 -11.29 1.76 -8.99
C GLY B 104 -11.54 3.25 -8.99
N SER B 105 -12.81 3.60 -9.22
CA SER B 105 -13.18 5.00 -9.46
C SER B 105 -13.01 5.84 -8.20
N ASP B 106 -13.54 5.37 -7.07
CA ASP B 106 -13.42 6.15 -5.83
C ASP B 106 -11.98 6.21 -5.36
N GLY B 107 -11.16 5.21 -5.70
CA GLY B 107 -9.74 5.29 -5.39
C GLY B 107 -8.94 6.18 -6.30
N GLY B 108 -9.52 6.62 -7.42
CA GLY B 108 -8.80 7.42 -8.37
C GLY B 108 -7.85 6.64 -9.26
N GLN B 109 -8.06 5.33 -9.41
CA GLN B 109 -7.17 4.53 -10.23
C GLN B 109 -7.28 4.95 -11.71
N SER B 110 -6.16 5.29 -12.33
CA SER B 110 -6.20 5.72 -13.72
C SER B 110 -5.60 4.73 -14.70
N VAL B 111 -4.83 3.77 -14.22
CA VAL B 111 -4.23 2.72 -15.05
C VAL B 111 -4.58 1.39 -14.41
N TYR B 112 -5.15 0.48 -15.18
CA TYR B 112 -5.62 -0.81 -14.67
C TYR B 112 -4.54 -1.88 -14.82
N HIS B 113 -3.43 -1.60 -14.15
CA HIS B 113 -2.36 -2.54 -13.87
C HIS B 113 -1.90 -2.15 -12.48
N VAL B 114 -1.90 -3.11 -11.54
CA VAL B 114 -1.66 -2.81 -10.13
C VAL B 114 -0.36 -2.04 -9.97
N HIS B 115 -0.40 -1.01 -9.12
CA HIS B 115 0.77 -0.18 -8.87
C HIS B 115 0.74 0.36 -7.46
N LEU B 116 1.92 0.40 -6.84
CA LEU B 116 2.11 1.00 -5.53
C LEU B 116 2.80 2.35 -5.71
N HIS B 117 2.15 3.43 -5.30
CA HIS B 117 2.79 4.75 -5.28
C HIS B 117 3.65 4.85 -4.02
N VAL B 118 4.80 5.49 -4.14
CA VAL B 118 5.63 5.84 -3.00
C VAL B 118 5.96 7.32 -3.12
N LEU B 119 5.57 8.12 -2.13
CA LEU B 119 5.72 9.57 -2.16
C LEU B 119 6.49 10.03 -0.94
N GLY B 120 7.45 10.92 -1.14
CA GLY B 120 8.14 11.48 -0.01
C GLY B 120 8.90 12.73 -0.40
N GLY B 121 9.75 13.17 0.53
CA GLY B 121 10.50 14.39 0.35
C GLY B 121 9.77 15.65 0.75
N ARG B 122 8.56 15.53 1.28
CA ARG B 122 7.84 16.63 1.90
C ARG B 122 6.93 16.03 2.96
N GLN B 123 6.39 16.89 3.82
CA GLN B 123 5.39 16.45 4.78
C GLN B 123 4.12 16.04 4.03
N MET B 124 3.68 14.81 4.25
CA MET B 124 2.40 14.37 3.73
C MET B 124 1.32 14.69 4.76
N HIS B 125 0.12 15.02 4.27
CA HIS B 125 -0.97 15.51 5.10
C HIS B 125 -2.05 14.46 5.28
N TRP B 126 -2.96 14.74 6.21
CA TRP B 126 -4.06 13.83 6.50
C TRP B 126 -5.34 14.65 6.36
N PRO B 127 -6.40 14.10 5.74
CA PRO B 127 -6.52 12.75 5.18
C PRO B 127 -5.68 12.56 3.91
N PRO B 128 -5.46 11.30 3.52
CA PRO B 128 -4.66 11.03 2.32
C PRO B 128 -5.49 11.15 1.05
N GLY B 129 -5.97 12.36 0.79
CA GLY B 129 -6.96 12.58 -0.25
C GLY B 129 -8.36 12.33 0.28
#